data_4NW4
#
_entry.id   4NW4
#
_cell.length_a   61.379
_cell.length_b   61.379
_cell.length_c   160.389
_cell.angle_alpha   90.000
_cell.angle_beta   90.000
_cell.angle_gamma   120.000
#
_symmetry.space_group_name_H-M   'P 65'
#
loop_
_entity.id
_entity.type
_entity.pdbx_description
1 polymer 'Lipoprotein S-layer protein'
2 non-polymer 'UNKNOWN LIGAND'
3 non-polymer 'SULFATE ION'
4 non-polymer GLYCEROL
5 non-polymer 'CHLORIDE ION'
6 water water
#
_entity_poly.entity_id   1
_entity_poly.type   'polypeptide(L)'
_entity_poly.pdbx_seq_one_letter_code
;GDHAANPNSATANLGKHQNNGQTRGDKATKILSGTDWQGTRVYDAAGNDLTAENANFIGLAKYDGETGFYEFFDKNTGET
RGDEGTFFVTGDGTKRILISRTQNYQAVVDLTEVSKDKFTYKRLGKDKLGNDVEVYVEHIPYHGKKLAFTNGREALTNQT
GKIVTNKSGDKILGTTLWNGTKVVDKNGNDVTAANQNFISLAKFDPNTSKYEFFNLQTGETRGDFGYFQVVDNNKIRAHV
SIGTNRYGAALELTELNNDRFTYTR(MSE)GKDNAGNDIQVFVEHEPYQGTYHPAFTF
;
_entity_poly.pdbx_strand_id   A
#
loop_
_chem_comp.id
_chem_comp.type
_chem_comp.name
_chem_comp.formula
CL non-polymer 'CHLORIDE ION' 'Cl -1'
GOL non-polymer GLYCEROL 'C3 H8 O3'
SO4 non-polymer 'SULFATE ION' 'O4 S -2'
UNL non-polymer 'UNKNOWN LIGAND' ?
#
# COMPACT_ATOMS: atom_id res chain seq x y z
N GLN A 22 5.63 -18.87 -1.87
CA GLN A 22 6.24 -17.55 -1.50
C GLN A 22 6.64 -16.75 -2.74
N THR A 23 6.18 -15.51 -2.82
CA THR A 23 6.59 -14.63 -3.89
C THR A 23 7.92 -14.00 -3.52
N ARG A 24 8.52 -13.34 -4.50
CA ARG A 24 9.72 -12.57 -4.29
C ARG A 24 9.43 -11.42 -3.30
N GLY A 25 8.28 -10.79 -3.43
CA GLY A 25 7.80 -9.82 -2.44
C GLY A 25 7.67 -10.38 -1.01
N ASP A 26 7.09 -11.58 -0.88
CA ASP A 26 7.04 -12.30 0.42
C ASP A 26 8.45 -12.50 1.03
N LYS A 27 9.42 -12.87 0.18
CA LYS A 27 10.82 -13.05 0.63
C LYS A 27 11.44 -11.76 1.15
N ALA A 28 11.25 -10.71 0.38
CA ALA A 28 11.72 -9.38 0.79
C ALA A 28 11.09 -8.91 2.07
N THR A 29 9.77 -9.07 2.17
CA THR A 29 9.01 -8.61 3.32
C THR A 29 9.46 -9.34 4.59
N LYS A 30 9.74 -10.64 4.47
CA LYS A 30 10.26 -11.42 5.60
C LYS A 30 11.62 -10.82 6.06
N ILE A 31 12.48 -10.49 5.12
CA ILE A 31 13.81 -9.93 5.45
C ILE A 31 13.63 -8.56 6.11
N LEU A 32 12.79 -7.68 5.55
CA LEU A 32 12.54 -6.34 6.19
C LEU A 32 11.97 -6.47 7.62
N SER A 33 11.10 -7.45 7.83
CA SER A 33 10.50 -7.72 9.14
C SER A 33 11.40 -8.38 10.16
N GLY A 34 12.54 -8.92 9.73
CA GLY A 34 13.37 -9.76 10.59
C GLY A 34 14.30 -8.99 11.53
N THR A 35 14.54 -7.73 11.22
CA THR A 35 15.39 -6.83 12.02
C THR A 35 14.84 -5.40 11.90
N ASP A 36 15.15 -4.55 12.90
CA ASP A 36 15.14 -3.12 12.68
C ASP A 36 16.26 -2.73 11.70
N TRP A 37 16.07 -1.58 11.06
CA TRP A 37 16.98 -1.04 10.06
C TRP A 37 17.40 0.38 10.34
N GLN A 38 18.57 0.73 9.82
CA GLN A 38 19.09 2.10 9.81
C GLN A 38 19.61 2.46 8.43
N GLY A 39 19.18 3.60 7.92
CA GLY A 39 19.89 4.18 6.78
C GLY A 39 21.34 4.50 7.14
N THR A 40 22.22 4.31 6.19
CA THR A 40 23.62 4.57 6.41
C THR A 40 24.06 5.75 5.54
N ARG A 41 24.14 5.51 4.24
CA ARG A 41 24.66 6.47 3.29
C ARG A 41 23.75 6.56 2.07
N VAL A 42 23.81 7.71 1.43
CA VAL A 42 23.18 7.96 0.14
C VAL A 42 24.28 8.16 -0.89
N TYR A 43 24.22 7.36 -1.96
CA TYR A 43 25.19 7.41 -3.03
C TYR A 43 24.58 7.64 -4.41
N ASP A 44 25.31 8.26 -5.32
CA ASP A 44 24.93 8.13 -6.73
C ASP A 44 25.45 6.77 -7.22
N ALA A 45 25.21 6.46 -8.50
CA ALA A 45 25.63 5.17 -9.06
C ALA A 45 27.13 5.02 -9.06
N ALA A 46 27.83 6.14 -9.16
CA ALA A 46 29.28 6.16 -9.19
C ALA A 46 29.91 6.04 -7.81
N GLY A 47 29.10 6.05 -6.75
CA GLY A 47 29.63 5.91 -5.42
C GLY A 47 30.06 7.21 -4.74
N ASN A 48 29.74 8.34 -5.36
CA ASN A 48 29.87 9.63 -4.68
C ASN A 48 28.89 9.72 -3.55
N ASP A 49 29.41 10.09 -2.39
CA ASP A 49 28.59 10.17 -1.18
C ASP A 49 27.78 11.46 -1.17
N LEU A 50 26.46 11.32 -1.19
CA LEU A 50 25.54 12.45 -1.24
C LEU A 50 24.63 12.50 -0.01
N THR A 51 25.11 11.93 1.08
CA THR A 51 24.29 11.75 2.26
C THR A 51 23.91 13.10 2.86
N ALA A 52 24.89 14.01 2.93
CA ALA A 52 24.69 15.35 3.49
C ALA A 52 23.66 16.12 2.65
N GLU A 53 23.63 15.89 1.33
CA GLU A 53 22.65 16.56 0.44
C GLU A 53 21.27 15.90 0.43
N ASN A 54 21.13 14.75 1.07
CA ASN A 54 19.86 14.03 1.15
C ASN A 54 19.70 13.43 2.54
N ALA A 55 20.01 14.23 3.55
CA ALA A 55 20.07 13.76 4.92
C ALA A 55 18.73 13.22 5.38
N ASN A 56 17.66 13.83 4.86
CA ASN A 56 16.29 13.39 5.19
C ASN A 56 15.91 11.97 4.73
N PHE A 57 16.76 11.30 3.93
CA PHE A 57 16.49 9.93 3.54
C PHE A 57 17.04 8.91 4.57
N ILE A 58 17.65 9.42 5.65
CA ILE A 58 18.39 8.59 6.60
C ILE A 58 17.66 8.63 7.95
N GLY A 59 17.17 7.47 8.37
CA GLY A 59 16.49 7.31 9.63
C GLY A 59 16.44 5.82 9.98
N LEU A 60 15.74 5.52 11.06
CA LEU A 60 15.53 4.13 11.50
C LEU A 60 14.18 3.65 11.10
N ALA A 61 14.06 2.33 10.95
CA ALA A 61 12.79 1.73 10.58
C ALA A 61 12.50 0.42 11.29
N LYS A 62 11.22 0.27 11.58
CA LYS A 62 10.65 -0.98 12.06
C LYS A 62 9.51 -1.37 11.13
N TYR A 63 9.57 -2.61 10.64
CA TYR A 63 8.60 -3.17 9.71
C TYR A 63 8.00 -4.41 10.28
N ASP A 64 6.67 -4.52 10.22
CA ASP A 64 5.99 -5.74 10.67
C ASP A 64 5.19 -6.25 9.47
N GLY A 65 5.77 -7.18 8.74
CA GLY A 65 5.08 -7.80 7.60
C GLY A 65 3.71 -8.38 7.93
N GLU A 66 3.59 -9.04 9.08
CA GLU A 66 2.32 -9.64 9.45
C GLU A 66 1.16 -8.63 9.44
N THR A 67 1.40 -7.43 9.98
CA THR A 67 0.33 -6.43 10.02
C THR A 67 0.45 -5.38 8.89
N GLY A 68 1.45 -5.56 8.02
CA GLY A 68 1.77 -4.64 6.91
C GLY A 68 2.02 -3.21 7.39
N PHE A 69 2.69 -3.09 8.52
CA PHE A 69 2.82 -1.82 9.25
C PHE A 69 4.27 -1.40 9.37
N TYR A 70 4.52 -0.12 9.19
CA TYR A 70 5.84 0.45 9.40
C TYR A 70 5.79 1.68 10.27
N GLU A 71 6.94 1.99 10.87
CA GLU A 71 7.17 3.24 11.57
C GLU A 71 8.65 3.61 11.44
N PHE A 72 8.89 4.91 11.29
CA PHE A 72 10.25 5.46 11.16
C PHE A 72 10.62 6.24 12.42
N PHE A 73 11.91 6.18 12.76
CA PHE A 73 12.46 6.82 13.94
C PHE A 73 13.72 7.58 13.55
N ASP A 74 14.07 8.54 14.39
CA ASP A 74 15.23 9.38 14.15
C ASP A 74 16.56 8.63 14.37
N LYS A 75 17.46 8.74 13.40
CA LYS A 75 18.77 8.07 13.44
C LYS A 75 19.59 8.42 14.67
N ASN A 76 19.59 9.68 15.05
CA ASN A 76 20.44 10.13 16.12
C ASN A 76 19.82 9.96 17.46
N THR A 77 18.50 10.15 17.58
CA THR A 77 17.89 10.12 18.89
C THR A 77 17.15 8.83 19.21
N GLY A 78 16.74 8.07 18.20
CA GLY A 78 15.88 6.90 18.43
C GLY A 78 14.39 7.17 18.58
N GLU A 79 14.00 8.44 18.69
CA GLU A 79 12.61 8.83 18.88
C GLU A 79 11.83 8.75 17.59
N THR A 80 10.53 8.46 17.69
CA THR A 80 9.68 8.37 16.50
C THR A 80 9.75 9.63 15.65
N ARG A 81 9.75 9.47 14.33
CA ARG A 81 9.61 10.60 13.41
C ARG A 81 8.14 10.96 13.23
N GLY A 82 7.23 10.27 13.91
CA GLY A 82 5.79 10.50 13.77
C GLY A 82 5.20 10.07 12.44
N ASP A 83 5.91 9.16 11.76
CA ASP A 83 5.59 8.68 10.43
C ASP A 83 5.39 7.16 10.54
N GLU A 84 4.13 6.75 10.39
CA GLU A 84 3.71 5.36 10.50
C GLU A 84 2.60 5.15 9.49
N GLY A 85 2.35 3.88 9.17
CA GLY A 85 1.33 3.51 8.21
C GLY A 85 1.58 2.14 7.61
N THR A 86 1.07 1.97 6.41
CA THR A 86 1.12 0.70 5.72
C THR A 86 2.27 0.70 4.76
N PHE A 87 3.01 -0.41 4.74
CA PHE A 87 4.04 -0.65 3.71
C PHE A 87 3.78 -1.99 3.03
N PHE A 88 4.31 -2.14 1.82
CA PHE A 88 4.46 -3.47 1.21
C PHE A 88 5.49 -3.46 0.14
N VAL A 89 5.94 -4.67 -0.21
CA VAL A 89 6.77 -4.94 -1.34
C VAL A 89 5.89 -5.59 -2.40
N THR A 90 6.05 -5.17 -3.65
CA THR A 90 5.26 -5.72 -4.72
C THR A 90 5.63 -7.21 -4.89
N GLY A 91 4.71 -7.98 -5.49
CA GLY A 91 4.89 -9.45 -5.55
C GLY A 91 6.16 -9.88 -6.24
N ASP A 92 6.57 -9.08 -7.22
CA ASP A 92 7.75 -9.36 -7.99
C ASP A 92 9.04 -8.91 -7.34
N GLY A 93 8.97 -8.33 -6.14
CA GLY A 93 10.12 -7.89 -5.37
C GLY A 93 10.73 -6.57 -5.79
N THR A 94 10.13 -5.88 -6.75
CA THR A 94 10.79 -4.74 -7.40
C THR A 94 10.57 -3.40 -6.72
N LYS A 95 9.51 -3.26 -5.93
CA LYS A 95 9.15 -1.94 -5.35
C LYS A 95 8.69 -2.02 -3.92
N ARG A 96 9.03 -1.00 -3.13
CA ARG A 96 8.43 -0.79 -1.82
C ARG A 96 7.49 0.39 -1.94
N ILE A 97 6.31 0.19 -1.37
CA ILE A 97 5.28 1.20 -1.26
C ILE A 97 5.13 1.56 0.20
N LEU A 98 5.00 2.85 0.48
CA LEU A 98 4.63 3.37 1.82
C LEU A 98 3.39 4.20 1.65
N ILE A 99 2.45 4.02 2.58
CA ILE A 99 1.27 4.84 2.67
C ILE A 99 1.19 5.36 4.10
N SER A 100 1.55 6.64 4.31
CA SER A 100 1.67 7.17 5.64
C SER A 100 0.31 7.58 6.12
N ARG A 101 -0.11 7.10 7.28
CA ARG A 101 -1.40 7.51 7.84
C ARG A 101 -1.31 8.73 8.74
N THR A 102 -0.07 9.11 9.10
CA THR A 102 0.15 10.26 9.98
C THR A 102 0.75 11.48 9.30
N GLN A 103 1.45 11.26 8.18
CA GLN A 103 2.18 12.36 7.53
C GLN A 103 1.68 12.60 6.11
N ASN A 104 0.56 12.00 5.76
CA ASN A 104 -0.19 12.36 4.57
C ASN A 104 0.64 12.37 3.30
N TYR A 105 1.35 11.28 3.06
CA TYR A 105 2.04 11.07 1.80
C TYR A 105 2.07 9.60 1.44
N GLN A 106 2.46 9.36 0.20
CA GLN A 106 2.77 8.03 -0.31
C GLN A 106 4.08 8.07 -1.09
N ALA A 107 4.74 6.92 -1.16
CA ALA A 107 6.00 6.76 -1.88
C ALA A 107 6.12 5.35 -2.48
N VAL A 108 6.63 5.31 -3.72
CA VAL A 108 7.00 4.09 -4.39
C VAL A 108 8.48 4.21 -4.75
N VAL A 109 9.30 3.24 -4.35
CA VAL A 109 10.73 3.26 -4.73
C VAL A 109 11.12 1.91 -5.30
N ASP A 110 12.07 1.92 -6.22
CA ASP A 110 12.59 0.71 -6.85
C ASP A 110 13.66 0.11 -5.96
N LEU A 111 13.45 -1.16 -5.58
CA LEU A 111 14.39 -1.87 -4.74
C LEU A 111 15.56 -2.36 -5.58
N THR A 112 16.76 -2.25 -5.03
CA THR A 112 17.99 -2.72 -5.73
C THR A 112 18.68 -3.85 -4.94
N GLU A 113 18.47 -3.93 -3.62
CA GLU A 113 18.91 -5.09 -2.86
C GLU A 113 18.05 -5.26 -1.64
N VAL A 114 17.66 -6.50 -1.33
CA VAL A 114 17.03 -6.81 -0.02
C VAL A 114 17.70 -8.11 0.50
N SER A 115 18.68 -7.96 1.38
CA SER A 115 19.48 -9.07 1.94
C SER A 115 19.46 -8.83 3.45
N LYS A 116 19.80 -9.86 4.21
CA LYS A 116 19.79 -9.75 5.68
C LYS A 116 20.75 -8.67 6.20
N ASP A 117 21.82 -8.41 5.45
CA ASP A 117 22.82 -7.44 5.89
C ASP A 117 22.75 -6.09 5.13
N LYS A 118 21.80 -5.94 4.20
CA LYS A 118 21.81 -4.77 3.30
C LYS A 118 20.49 -4.63 2.57
N PHE A 119 19.85 -3.48 2.77
CA PHE A 119 18.62 -3.11 2.10
C PHE A 119 18.86 -1.77 1.40
N THR A 120 18.66 -1.74 0.08
CA THR A 120 18.96 -0.57 -0.72
C THR A 120 17.81 -0.34 -1.70
N TYR A 121 17.40 0.91 -1.84
CA TYR A 121 16.52 1.31 -2.95
C TYR A 121 17.12 2.53 -3.66
N LYS A 122 16.57 2.81 -4.82
CA LYS A 122 16.94 3.98 -5.58
C LYS A 122 15.71 4.88 -5.74
N ARG A 123 15.99 6.17 -5.83
CA ARG A 123 14.99 7.20 -6.05
C ARG A 123 15.67 8.47 -6.52
N LEU A 124 14.86 9.50 -6.74
CA LEU A 124 15.37 10.83 -7.06
C LEU A 124 15.93 11.56 -5.81
N GLY A 125 17.09 12.18 -5.98
CA GLY A 125 17.71 12.96 -4.96
C GLY A 125 18.47 14.12 -5.57
N LYS A 126 19.34 14.71 -4.76
CA LYS A 126 20.07 15.90 -5.11
C LYS A 126 21.56 15.66 -5.04
N ASP A 127 22.27 16.25 -5.98
CA ASP A 127 23.70 16.26 -5.96
C ASP A 127 24.20 17.54 -5.28
N LYS A 128 25.51 17.77 -5.31
CA LYS A 128 26.11 18.90 -4.59
C LYS A 128 25.80 20.26 -5.22
N LEU A 129 25.45 20.24 -6.50
CA LEU A 129 25.05 21.46 -7.19
C LEU A 129 23.55 21.65 -7.19
N GLY A 130 22.83 20.83 -6.43
CA GLY A 130 21.38 20.92 -6.36
C GLY A 130 20.61 20.37 -7.56
N ASN A 131 21.30 19.67 -8.46
CA ASN A 131 20.63 19.03 -9.60
C ASN A 131 19.96 17.73 -9.18
N ASP A 132 18.93 17.34 -9.92
CA ASP A 132 18.26 16.06 -9.72
C ASP A 132 19.16 14.91 -10.21
N VAL A 133 19.31 13.89 -9.38
CA VAL A 133 20.09 12.71 -9.75
C VAL A 133 19.43 11.49 -9.15
N GLU A 134 19.71 10.33 -9.74
CA GLU A 134 19.26 9.10 -9.12
C GLU A 134 20.22 8.76 -7.98
N VAL A 135 19.68 8.48 -6.81
CA VAL A 135 20.51 8.11 -5.67
C VAL A 135 20.05 6.74 -5.15
N TYR A 136 20.93 6.11 -4.39
CA TYR A 136 20.73 4.80 -3.80
C TYR A 136 20.84 5.02 -2.31
N VAL A 137 19.81 4.64 -1.57
CA VAL A 137 19.78 4.79 -0.11
C VAL A 137 20.04 3.43 0.53
N GLU A 138 21.21 3.29 1.14
CA GLU A 138 21.61 2.01 1.72
C GLU A 138 21.15 1.94 3.15
N HIS A 139 20.88 0.73 3.63
CA HIS A 139 20.51 0.49 5.03
C HIS A 139 21.10 -0.81 5.51
N ILE A 140 21.38 -0.89 6.83
CA ILE A 140 21.86 -2.11 7.45
C ILE A 140 21.04 -2.34 8.71
N PRO A 141 21.16 -3.55 9.29
CA PRO A 141 20.42 -3.77 10.51
C PRO A 141 20.76 -2.79 11.63
N TYR A 142 19.74 -2.46 12.41
CA TYR A 142 19.94 -1.57 13.54
C TYR A 142 19.83 -2.36 14.77
N HIS A 143 20.81 -2.16 15.65
CA HIS A 143 20.90 -2.82 16.96
C HIS A 143 21.33 -1.81 18.02
N GLY A 144 20.46 -0.84 18.27
CA GLY A 144 20.74 0.20 19.24
C GLY A 144 19.69 0.18 20.32
N LYS A 145 18.90 1.24 20.35
CA LYS A 145 17.70 1.30 21.18
C LYS A 145 16.71 0.25 20.70
N LYS A 146 16.09 -0.48 21.63
CA LYS A 146 15.01 -1.40 21.27
C LYS A 146 13.85 -0.54 20.77
N LEU A 147 13.41 -0.75 19.53
CA LEU A 147 12.38 0.09 18.93
C LEU A 147 11.02 -0.55 19.13
N ALA A 148 10.03 0.24 19.54
CA ALA A 148 8.67 -0.24 19.69
C ALA A 148 7.72 0.70 18.93
N PHE A 149 6.73 0.15 18.28
CA PHE A 149 5.71 0.97 17.60
C PHE A 149 5.07 1.89 18.63
N THR A 150 4.90 3.14 18.23
CA THR A 150 4.23 4.13 19.09
C THR A 150 2.77 3.69 19.27
N ASN A 151 2.16 3.29 18.14
CA ASN A 151 0.77 2.89 18.08
C ASN A 151 0.60 1.47 17.61
N GLY A 152 1.24 1.11 16.49
CA GLY A 152 1.01 -0.17 15.87
C GLY A 152 -0.31 -0.29 15.10
N ARG A 153 -0.45 -1.40 14.38
CA ARG A 153 -1.66 -1.70 13.66
C ARG A 153 -2.76 -1.96 14.73
N GLU A 154 -3.84 -1.19 14.72
CA GLU A 154 -4.94 -1.44 15.64
C GLU A 154 -5.74 -2.67 15.25
N ALA A 155 -6.54 -3.18 16.18
CA ALA A 155 -7.54 -4.19 15.86
C ALA A 155 -8.58 -3.65 14.91
N LEU A 156 -8.99 -4.51 13.99
CA LEU A 156 -9.94 -4.19 12.95
C LEU A 156 -11.09 -5.19 13.07
N THR A 157 -12.28 -4.67 13.35
CA THR A 157 -13.43 -5.47 13.76
C THR A 157 -14.71 -5.35 12.86
N ASN A 158 -14.63 -4.62 11.76
CA ASN A 158 -15.81 -4.52 10.86
C ASN A 158 -15.89 -5.81 10.03
N GLN A 159 -17.05 -6.43 10.01
CA GLN A 159 -17.24 -7.65 9.22
C GLN A 159 -18.68 -7.84 8.76
N THR A 160 -18.82 -8.12 7.46
CA THR A 160 -20.11 -8.25 6.82
C THR A 160 -20.28 -9.59 6.08
N GLY A 161 -19.19 -10.35 5.99
CA GLY A 161 -19.21 -11.67 5.37
C GLY A 161 -17.94 -12.44 5.64
N LYS A 162 -17.81 -13.63 5.03
CA LYS A 162 -16.64 -14.47 5.21
C LYS A 162 -15.39 -13.73 4.76
N ILE A 163 -14.38 -13.75 5.60
CA ILE A 163 -13.05 -13.22 5.25
C ILE A 163 -12.11 -14.40 5.27
N VAL A 164 -11.66 -14.80 4.09
CA VAL A 164 -10.72 -15.89 3.92
C VAL A 164 -9.34 -15.48 4.39
N THR A 165 -8.74 -16.32 5.22
CA THR A 165 -7.40 -16.04 5.75
C THR A 165 -6.38 -17.13 5.47
N ASN A 166 -6.80 -18.27 4.90
CA ASN A 166 -5.83 -19.33 4.66
C ASN A 166 -5.33 -19.32 3.19
N LYS A 167 -5.65 -18.25 2.47
CA LYS A 167 -5.15 -18.03 1.11
C LYS A 167 -4.76 -16.56 0.98
N SER A 168 -3.78 -16.31 0.12
CA SER A 168 -3.35 -14.96 -0.21
C SER A 168 -4.53 -14.08 -0.66
N GLY A 169 -4.69 -12.95 0.02
CA GLY A 169 -5.68 -11.95 -0.33
C GLY A 169 -5.49 -11.47 -1.75
N ASP A 170 -4.24 -11.19 -2.11
CA ASP A 170 -3.92 -10.74 -3.45
C ASP A 170 -4.39 -11.76 -4.47
N LYS A 171 -4.09 -13.04 -4.23
CA LYS A 171 -4.52 -14.09 -5.18
C LYS A 171 -6.04 -14.14 -5.31
N ILE A 172 -6.77 -13.92 -4.21
CA ILE A 172 -8.23 -13.86 -4.31
C ILE A 172 -8.66 -12.70 -5.22
N LEU A 173 -8.04 -11.53 -5.08
CA LEU A 173 -8.39 -10.41 -5.97
C LEU A 173 -8.00 -10.67 -7.42
N GLY A 174 -6.89 -11.36 -7.62
CA GLY A 174 -6.43 -11.75 -8.93
C GLY A 174 -7.27 -12.76 -9.67
N THR A 175 -8.25 -13.40 -9.03
CA THR A 175 -9.06 -14.44 -9.70
C THR A 175 -9.97 -13.95 -10.84
N THR A 176 -10.34 -12.69 -10.84
CA THR A 176 -11.33 -12.18 -11.77
C THR A 176 -11.27 -10.65 -11.78
N LEU A 177 -11.78 -10.06 -12.85
CA LEU A 177 -12.20 -8.65 -12.80
C LEU A 177 -13.36 -8.59 -11.83
N TRP A 178 -13.47 -7.45 -11.13
CA TRP A 178 -14.50 -7.19 -10.14
C TRP A 178 -15.21 -5.95 -10.54
N ASN A 179 -16.44 -5.79 -10.06
CA ASN A 179 -17.05 -4.48 -10.10
C ASN A 179 -17.80 -4.22 -8.81
N GLY A 180 -17.83 -2.95 -8.41
CA GLY A 180 -18.70 -2.52 -7.34
C GLY A 180 -20.17 -2.82 -7.66
N THR A 181 -20.84 -3.47 -6.74
CA THR A 181 -22.24 -3.89 -6.96
C THR A 181 -23.25 -3.19 -6.08
N LYS A 182 -22.81 -2.73 -4.93
CA LYS A 182 -23.72 -2.17 -3.95
C LYS A 182 -22.93 -1.40 -2.88
N VAL A 183 -23.51 -0.32 -2.37
CA VAL A 183 -23.00 0.38 -1.19
C VAL A 183 -24.10 0.43 -0.13
N VAL A 184 -23.78 0.01 1.10
CA VAL A 184 -24.73 -0.04 2.19
C VAL A 184 -24.16 0.64 3.41
N ASP A 185 -25.07 1.09 4.26
CA ASP A 185 -24.70 1.62 5.57
C ASP A 185 -24.49 0.51 6.60
N LYS A 186 -24.19 0.88 7.83
CA LYS A 186 -23.90 -0.12 8.85
C LYS A 186 -25.10 -1.03 9.21
N ASN A 187 -26.31 -0.61 8.82
CA ASN A 187 -27.51 -1.41 9.01
C ASN A 187 -27.98 -2.15 7.76
N GLY A 188 -27.15 -2.20 6.74
CA GLY A 188 -27.52 -2.88 5.48
C GLY A 188 -28.45 -2.08 4.57
N ASN A 189 -28.77 -0.84 4.91
CA ASN A 189 -29.61 0.01 4.02
C ASN A 189 -28.85 0.37 2.76
N ASP A 190 -29.49 0.26 1.61
CA ASP A 190 -28.88 0.53 0.33
C ASP A 190 -28.66 2.03 0.15
N VAL A 191 -27.41 2.40 -0.05
CA VAL A 191 -27.06 3.80 -0.32
C VAL A 191 -26.26 3.92 -1.60
N THR A 192 -26.43 2.97 -2.51
CA THR A 192 -25.59 2.90 -3.69
C THR A 192 -25.70 4.17 -4.54
N ALA A 193 -26.91 4.68 -4.72
CA ALA A 193 -27.10 5.83 -5.59
C ALA A 193 -26.40 7.08 -5.03
N ALA A 194 -26.18 7.11 -3.72
CA ALA A 194 -25.48 8.23 -3.03
C ALA A 194 -23.93 8.13 -3.12
N ASN A 195 -23.43 7.00 -3.62
CA ASN A 195 -22.01 6.71 -3.63
C ASN A 195 -21.56 6.08 -4.95
N GLN A 196 -22.12 6.54 -6.08
CA GLN A 196 -21.73 5.95 -7.37
C GLN A 196 -20.28 6.18 -7.73
N ASN A 197 -19.68 7.27 -7.21
CA ASN A 197 -18.23 7.49 -7.37
C ASN A 197 -17.37 6.30 -6.92
N PHE A 198 -17.88 5.45 -6.01
CA PHE A 198 -17.17 4.25 -5.54
C PHE A 198 -17.39 3.01 -6.39
N ILE A 199 -18.15 3.13 -7.48
CA ILE A 199 -18.54 1.98 -8.29
C ILE A 199 -17.74 1.94 -9.57
N SER A 200 -16.83 0.98 -9.65
CA SER A 200 -15.90 0.86 -10.78
C SER A 200 -15.70 -0.58 -11.14
N LEU A 201 -15.14 -0.76 -12.33
CA LEU A 201 -14.59 -2.01 -12.80
C LEU A 201 -13.13 -2.04 -12.37
N ALA A 202 -12.73 -3.10 -11.65
CA ALA A 202 -11.42 -3.15 -10.97
C ALA A 202 -10.64 -4.36 -11.44
N LYS A 203 -9.38 -4.10 -11.80
CA LYS A 203 -8.45 -5.12 -12.23
C LYS A 203 -7.27 -5.13 -11.26
N PHE A 204 -6.93 -6.33 -10.78
CA PHE A 204 -5.81 -6.56 -9.83
C PHE A 204 -4.87 -7.66 -10.34
N ASP A 205 -3.58 -7.36 -10.45
CA ASP A 205 -2.58 -8.37 -10.85
C ASP A 205 -1.72 -8.69 -9.64
N PRO A 206 -1.81 -9.93 -9.10
CA PRO A 206 -1.06 -10.22 -7.85
C PRO A 206 0.47 -10.31 -8.03
N ASN A 207 0.92 -10.64 -9.24
CA ASN A 207 2.33 -10.84 -9.49
C ASN A 207 3.08 -9.49 -9.53
N THR A 208 2.52 -8.50 -10.22
CA THR A 208 3.13 -7.20 -10.35
C THR A 208 2.62 -6.24 -9.29
N SER A 209 1.58 -6.65 -8.53
CA SER A 209 0.86 -5.78 -7.62
C SER A 209 0.21 -4.55 -8.27
N LYS A 210 -0.04 -4.60 -9.57
CA LYS A 210 -0.68 -3.45 -10.26
C LYS A 210 -2.20 -3.55 -10.10
N TYR A 211 -2.86 -2.39 -9.91
CA TYR A 211 -4.34 -2.32 -9.98
C TYR A 211 -4.70 -1.15 -10.91
N GLU A 212 -5.88 -1.20 -11.51
CA GLU A 212 -6.48 -0.06 -12.18
C GLU A 212 -8.01 -0.09 -12.04
N PHE A 213 -8.61 1.10 -11.89
CA PHE A 213 -10.07 1.26 -11.95
C PHE A 213 -10.51 1.85 -13.28
N PHE A 214 -11.59 1.30 -13.83
CA PHE A 214 -12.12 1.62 -15.13
C PHE A 214 -13.62 1.98 -15.00
N ASN A 215 -14.09 2.83 -15.90
CA ASN A 215 -15.49 3.17 -15.99
C ASN A 215 -16.34 1.98 -16.48
N LEU A 216 -17.42 1.65 -15.75
CA LEU A 216 -18.28 0.50 -16.14
C LEU A 216 -19.09 0.73 -17.41
N GLN A 217 -19.37 1.98 -17.71
CA GLN A 217 -20.18 2.35 -18.86
C GLN A 217 -19.31 2.31 -20.11
N THR A 218 -18.10 2.88 -20.04
CA THR A 218 -17.25 3.08 -21.23
C THR A 218 -16.06 2.09 -21.40
N GLY A 219 -15.70 1.40 -20.33
CA GLY A 219 -14.51 0.55 -20.35
C GLY A 219 -13.18 1.30 -20.15
N GLU A 220 -13.21 2.64 -20.12
CA GLU A 220 -11.99 3.46 -20.10
C GLU A 220 -11.50 3.70 -18.67
N THR A 221 -10.17 3.81 -18.51
CA THR A 221 -9.61 4.05 -17.20
C THR A 221 -10.27 5.26 -16.53
N ARG A 222 -10.40 5.15 -15.21
CA ARG A 222 -10.81 6.28 -14.41
C ARG A 222 -9.62 7.17 -14.08
N GLY A 223 -8.41 6.77 -14.49
CA GLY A 223 -7.19 7.55 -14.21
C GLY A 223 -6.69 7.28 -12.79
N ASP A 224 -7.19 6.21 -12.21
CA ASP A 224 -6.83 5.78 -10.85
C ASP A 224 -6.20 4.41 -11.01
N PHE A 225 -4.90 4.37 -10.72
CA PHE A 225 -4.09 3.19 -10.95
C PHE A 225 -2.78 3.32 -10.21
N GLY A 226 -2.15 2.17 -9.96
CA GLY A 226 -0.90 2.08 -9.20
C GLY A 226 -0.69 0.67 -8.68
N TYR A 227 -0.30 0.57 -7.40
CA TYR A 227 0.07 -0.68 -6.73
C TYR A 227 -0.80 -0.88 -5.51
N PHE A 228 -1.15 -2.14 -5.29
CA PHE A 228 -2.06 -2.55 -4.19
C PHE A 228 -1.45 -3.75 -3.50
N GLN A 229 -1.83 -3.98 -2.27
CA GLN A 229 -1.65 -5.31 -1.68
C GLN A 229 -2.68 -5.49 -0.62
N VAL A 230 -3.10 -6.75 -0.47
CA VAL A 230 -3.94 -7.14 0.64
C VAL A 230 -3.01 -7.58 1.78
N VAL A 231 -3.06 -6.83 2.89
CA VAL A 231 -2.12 -6.96 4.01
C VAL A 231 -2.86 -7.26 5.31
N ASP A 232 -2.12 -7.57 6.36
CA ASP A 232 -2.66 -7.64 7.77
C ASP A 232 -3.63 -8.80 7.91
N ASN A 233 -3.17 -9.98 7.52
CA ASN A 233 -4.00 -11.19 7.63
C ASN A 233 -5.32 -11.02 6.91
N ASN A 234 -5.19 -10.44 5.70
CA ASN A 234 -6.29 -10.22 4.78
C ASN A 234 -7.37 -9.26 5.26
N LYS A 235 -7.01 -8.34 6.16
CA LYS A 235 -7.98 -7.43 6.74
C LYS A 235 -7.90 -6.02 6.16
N ILE A 236 -6.85 -5.70 5.40
CA ILE A 236 -6.74 -4.42 4.73
C ILE A 236 -6.41 -4.57 3.25
N ARG A 237 -7.14 -3.82 2.43
CA ARG A 237 -6.73 -3.55 1.04
C ARG A 237 -6.06 -2.16 0.98
N ALA A 238 -4.76 -2.15 0.69
CA ALA A 238 -3.97 -0.96 0.64
C ALA A 238 -3.59 -0.70 -0.80
N HIS A 239 -3.63 0.57 -1.18
CA HIS A 239 -3.18 0.92 -2.50
C HIS A 239 -2.69 2.35 -2.58
N VAL A 240 -1.87 2.60 -3.59
CA VAL A 240 -1.38 3.93 -3.89
C VAL A 240 -1.69 4.23 -5.34
N SER A 241 -2.30 5.38 -5.60
CA SER A 241 -2.57 5.81 -6.94
C SER A 241 -1.41 6.69 -7.35
N ILE A 242 -0.86 6.31 -8.51
CA ILE A 242 0.17 7.06 -9.15
C ILE A 242 -0.41 7.83 -10.37
N GLY A 243 -1.75 7.92 -10.49
CA GLY A 243 -2.40 8.57 -11.64
C GLY A 243 -2.54 10.10 -11.51
N THR A 244 -3.60 10.65 -12.09
CA THR A 244 -3.88 12.08 -12.06
C THR A 244 -3.86 12.60 -10.62
N ASN A 245 -4.70 12.02 -9.76
CA ASN A 245 -4.78 12.46 -8.38
C ASN A 245 -4.09 11.47 -7.46
N ARG A 246 -2.93 11.86 -6.97
CA ARG A 246 -2.08 11.01 -6.15
C ARG A 246 -2.70 10.93 -4.78
N TYR A 247 -2.91 9.71 -4.32
CA TYR A 247 -3.42 9.48 -2.98
C TYR A 247 -3.08 8.02 -2.65
N GLY A 248 -3.28 7.68 -1.38
CA GLY A 248 -3.23 6.31 -0.94
C GLY A 248 -4.40 6.02 -0.02
N ALA A 249 -4.61 4.74 0.22
CA ALA A 249 -5.68 4.29 1.08
C ALA A 249 -5.28 2.98 1.70
N ALA A 250 -5.70 2.77 2.93
CA ALA A 250 -5.58 1.50 3.58
C ALA A 250 -6.98 1.21 4.10
N LEU A 251 -7.75 0.47 3.33
CA LEU A 251 -9.20 0.29 3.58
C LEU A 251 -9.44 -1.04 4.25
N GLU A 252 -10.22 -1.04 5.33
CA GLU A 252 -10.51 -2.27 6.04
C GLU A 252 -11.46 -3.13 5.22
N LEU A 253 -11.03 -4.37 4.97
CA LEU A 253 -11.91 -5.39 4.37
C LEU A 253 -12.85 -6.02 5.38
N THR A 254 -14.13 -6.15 4.99
CA THR A 254 -15.19 -6.67 5.85
C THR A 254 -15.77 -7.98 5.30
N GLU A 255 -15.39 -8.31 4.06
CA GLU A 255 -15.67 -9.61 3.45
C GLU A 255 -14.61 -9.81 2.38
N LEU A 256 -14.11 -11.04 2.23
CA LEU A 256 -13.11 -11.32 1.21
C LEU A 256 -13.14 -12.81 0.88
N ASN A 257 -13.64 -13.14 -0.31
CA ASN A 257 -13.71 -14.53 -0.74
C ASN A 257 -13.91 -14.56 -2.23
N ASN A 258 -13.97 -15.76 -2.82
CA ASN A 258 -14.09 -15.81 -4.29
C ASN A 258 -15.38 -15.22 -4.86
N ASP A 259 -16.43 -15.06 -4.03
CA ASP A 259 -17.71 -14.55 -4.46
C ASP A 259 -17.87 -13.04 -4.32
N ARG A 260 -17.12 -12.46 -3.40
CA ARG A 260 -17.36 -11.08 -2.99
C ARG A 260 -16.22 -10.55 -2.16
N PHE A 261 -15.89 -9.29 -2.37
CA PHE A 261 -15.11 -8.57 -1.39
C PHE A 261 -15.77 -7.21 -1.11
N THR A 262 -15.61 -6.78 0.14
CA THR A 262 -16.28 -5.58 0.63
C THR A 262 -15.28 -4.84 1.52
N TYR A 263 -15.18 -3.51 1.38
CA TYR A 263 -14.38 -2.70 2.29
C TYR A 263 -15.23 -1.61 2.86
N THR A 264 -14.78 -1.01 3.95
CA THR A 264 -15.52 0.05 4.60
C THR A 264 -14.69 1.32 4.60
N ARG A 265 -15.40 2.44 4.51
CA ARG A 265 -14.78 3.77 4.51
C ARG A 265 -15.91 4.77 4.79
N MSE A 266 -15.59 6.07 4.79
CA MSE A 266 -16.64 7.10 4.89
C MSE A 266 -17.26 7.34 3.52
O MSE A 266 -16.56 7.37 2.51
CB MSE A 266 -16.08 8.40 5.43
CG MSE A 266 -15.52 8.21 6.83
SE MSE A 266 -16.94 7.70 8.08
CE MSE A 266 -18.16 9.23 7.93
N GLY A 267 -18.58 7.50 3.50
CA GLY A 267 -19.33 7.89 2.33
C GLY A 267 -20.54 8.68 2.70
N LYS A 268 -21.59 8.59 1.88
CA LYS A 268 -22.81 9.38 2.10
C LYS A 268 -24.03 8.49 2.31
N ASP A 269 -25.00 8.99 3.06
CA ASP A 269 -26.30 8.32 3.10
C ASP A 269 -27.17 8.90 1.96
N ASN A 270 -28.41 8.45 1.87
CA ASN A 270 -29.27 8.91 0.78
C ASN A 270 -29.65 10.38 0.91
N ALA A 271 -29.58 10.90 2.14
CA ALA A 271 -29.87 12.32 2.42
C ALA A 271 -28.69 13.24 2.14
N GLY A 272 -27.51 12.66 1.91
CA GLY A 272 -26.27 13.42 1.80
C GLY A 272 -25.49 13.62 3.10
N ASN A 273 -25.85 12.92 4.19
CA ASN A 273 -25.02 12.95 5.42
C ASN A 273 -23.78 12.10 5.27
N ASP A 274 -22.72 12.47 5.99
CA ASP A 274 -21.49 11.70 6.02
C ASP A 274 -21.67 10.53 6.96
N ILE A 275 -21.52 9.31 6.45
CA ILE A 275 -21.69 8.09 7.25
C ILE A 275 -20.66 7.04 6.86
N GLN A 276 -20.54 6.01 7.70
CA GLN A 276 -19.71 4.86 7.38
C GLN A 276 -20.46 4.05 6.34
N VAL A 277 -19.75 3.65 5.30
CA VAL A 277 -20.33 2.78 4.27
C VAL A 277 -19.46 1.56 4.02
N PHE A 278 -20.08 0.59 3.33
CA PHE A 278 -19.51 -0.69 2.99
C PHE A 278 -19.75 -0.89 1.52
N VAL A 279 -18.66 -1.03 0.75
CA VAL A 279 -18.76 -1.13 -0.69
C VAL A 279 -18.51 -2.58 -1.10
N GLU A 280 -19.57 -3.20 -1.62
CA GLU A 280 -19.50 -4.59 -2.03
C GLU A 280 -19.07 -4.65 -3.48
N HIS A 281 -18.37 -5.74 -3.81
CA HIS A 281 -17.91 -6.04 -5.15
C HIS A 281 -18.11 -7.50 -5.43
N GLU A 282 -18.44 -7.83 -6.68
CA GLU A 282 -18.55 -9.21 -7.09
C GLU A 282 -17.86 -9.39 -8.45
N PRO A 283 -17.58 -10.64 -8.84
CA PRO A 283 -16.95 -10.81 -10.12
C PRO A 283 -17.75 -10.17 -11.27
N TYR A 284 -17.03 -9.52 -12.16
CA TYR A 284 -17.59 -8.76 -13.26
C TYR A 284 -18.14 -9.70 -14.34
N GLN A 285 -19.33 -9.41 -14.84
CA GLN A 285 -19.95 -10.24 -15.86
C GLN A 285 -20.20 -9.48 -17.18
N GLY A 286 -19.62 -8.30 -17.32
CA GLY A 286 -19.82 -7.49 -18.52
C GLY A 286 -18.90 -7.86 -19.66
N THR A 287 -18.94 -7.09 -20.72
CA THR A 287 -18.17 -7.42 -21.90
C THR A 287 -16.77 -6.82 -21.95
N TYR A 288 -16.42 -5.88 -21.08
CA TYR A 288 -15.11 -5.23 -21.24
C TYR A 288 -13.97 -6.13 -20.76
N HIS A 289 -12.81 -6.02 -21.39
CA HIS A 289 -11.59 -6.71 -20.97
C HIS A 289 -10.50 -5.64 -20.88
N PRO A 290 -10.57 -4.81 -19.84
CA PRO A 290 -9.71 -3.63 -19.78
C PRO A 290 -8.21 -3.95 -19.68
N ALA A 291 -7.40 -3.10 -20.29
CA ALA A 291 -5.93 -3.19 -20.21
C ALA A 291 -5.39 -2.14 -19.26
N PHE A 292 -4.35 -2.49 -18.50
CA PHE A 292 -3.56 -1.49 -17.75
C PHE A 292 -3.07 -0.41 -18.70
N THR A 293 -3.20 0.84 -18.29
CA THR A 293 -2.76 1.97 -19.12
C THR A 293 -1.41 2.54 -18.64
N PHE A 294 -0.72 1.75 -17.81
CA PHE A 294 0.57 2.08 -17.20
C PHE A 294 1.35 0.77 -17.00
O1 UNL B . 13.83 8.39 6.82
O2 UNL B . 11.41 8.73 5.93
O3 UNL B . 12.21 7.83 3.63
O4 UNL B . 9.66 8.13 3.12
S SO4 C . 13.85 4.55 4.52
O1 SO4 C . 13.76 3.07 4.47
O2 SO4 C . 12.64 5.13 3.90
O3 SO4 C . 13.89 5.02 5.94
O4 SO4 C . 15.02 5.03 3.73
S SO4 D . -13.00 -0.08 -5.68
O1 SO4 D . -14.30 0.06 -4.91
O2 SO4 D . -13.19 0.30 -7.11
O3 SO4 D . -12.00 0.81 -4.97
O4 SO4 D . -12.58 -1.49 -5.66
S SO4 E . -22.83 6.17 10.96
O1 SO4 E . -23.89 5.42 10.25
O2 SO4 E . -23.31 7.53 11.23
O3 SO4 E . -22.56 5.47 12.25
O4 SO4 E . -21.57 6.21 10.19
S SO4 F . -14.77 8.77 -14.51
O1 SO4 F . -14.80 7.43 -15.13
O2 SO4 F . -16.08 9.43 -14.71
O3 SO4 F . -14.49 8.66 -13.06
O4 SO4 F . -13.68 9.55 -15.13
S SO4 G . 27.65 -4.48 0.04
O1 SO4 G . 26.42 -4.60 0.88
O2 SO4 G . 27.47 -3.73 -1.21
O3 SO4 G . 28.77 -3.84 0.77
O4 SO4 G . 27.97 -5.86 -0.34
C1 GOL H . -1.09 -11.59 0.52
O1 GOL H . -2.15 -10.73 0.05
C2 GOL H . 0.20 -10.82 0.76
O2 GOL H . 0.86 -11.44 1.86
C3 GOL H . 1.09 -10.86 -0.47
O3 GOL H . 1.91 -12.05 -0.39
C1 GOL I . -6.02 0.60 9.19
O1 GOL I . -5.14 0.26 10.21
C2 GOL I . -6.15 2.12 9.11
O2 GOL I . -4.87 2.78 8.87
C3 GOL I . -7.15 2.24 7.99
O3 GOL I . -7.80 0.95 7.86
C1 GOL J . 15.79 -6.33 -5.23
O1 GOL J . 15.49 -7.38 -4.31
C2 GOL J . 15.82 -6.97 -6.60
O2 GOL J . 14.49 -7.31 -6.96
C3 GOL J . 16.39 -5.98 -7.61
O3 GOL J . 16.38 -6.59 -8.90
C1 GOL K . -24.69 -9.30 -0.47
O1 GOL K . -25.30 -8.14 -1.07
C2 GOL K . -25.12 -9.52 0.98
O2 GOL K . -26.52 -9.27 1.23
C3 GOL K . -24.85 -10.96 1.36
O3 GOL K . -24.59 -10.99 2.76
CL CL L . -2.17 -18.99 -1.35
CL CL M . -2.20 2.44 7.66
CL CL N . -32.43 -0.88 1.96
CL CL N . -32.67 -2.25 0.53
CL CL O . -13.34 -18.20 -1.37
CL CL O . -14.88 -19.02 -1.37
#